data_3AB7
#
_entry.id   3AB7
#
_cell.length_a   126.860
_cell.length_b   126.860
_cell.length_c   76.930
_cell.angle_alpha   90.00
_cell.angle_beta   90.00
_cell.angle_gamma   120.00
#
_symmetry.space_group_name_H-M   'P 65'
#
loop_
_entity.id
_entity.type
_entity.pdbx_description
1 polymer 'Putative uncharacterized protein TTHA0350'
2 water water
#
_entity_poly.entity_id   1
_entity_poly.type   'polypeptide(L)'
_entity_poly.pdbx_seq_one_letter_code
;MRILLATDGSPQARGAEALAEWLAYKLSAPLTVLFVVDTRLARIPELLDFGALTVPVPVLRTELERALALRGEAVLERVR
QSALAAGVAVEAVLEEGVPHEAILRRARAADLLVLGRSGEAHGDGFGGLGSTADRVLRASPVPVLLAPGEPVELEGALLG
YDASESAVRALHALAPLARALGLGVRVVSVHEDPARAEAWALEAEAYLRDHGVEASALVLGGDAADHLLRLQGPGDLLAL
GAPVRRLVFGSTAERVIRNAQGPVLTAR
;
_entity_poly.pdbx_strand_id   A,B
#
# COMPACT_ATOMS: atom_id res chain seq x y z
N MET A 1 9.20 9.23 -0.52
CA MET A 1 8.69 8.44 0.64
C MET A 1 8.78 9.35 1.86
N ARG A 2 7.63 9.63 2.49
CA ARG A 2 7.59 10.52 3.66
C ARG A 2 7.39 9.78 4.97
N ILE A 3 8.29 10.04 5.93
CA ILE A 3 8.22 9.39 7.24
C ILE A 3 7.61 10.27 8.33
N LEU A 4 6.73 9.67 9.13
CA LEU A 4 6.09 10.39 10.22
C LEU A 4 6.49 9.78 11.58
N LEU A 5 7.08 10.61 12.42
CA LEU A 5 7.49 10.19 13.75
C LEU A 5 6.58 10.85 14.77
N ALA A 6 5.90 10.05 15.57
CA ALA A 6 5.05 10.56 16.62
C ALA A 6 5.71 10.22 17.95
N THR A 7 6.20 11.23 18.67
CA THR A 7 6.86 10.99 19.95
C THR A 7 6.26 11.77 21.11
N ASP A 8 6.21 11.13 22.28
CA ASP A 8 5.69 11.76 23.48
C ASP A 8 6.82 12.16 24.42
N GLY A 9 7.97 12.50 23.83
CA GLY A 9 9.13 12.92 24.62
C GLY A 9 9.71 11.94 25.63
N SER A 10 8.89 11.04 26.15
CA SER A 10 9.34 10.08 27.15
C SER A 10 10.61 9.35 26.73
N PRO A 11 11.30 8.73 27.71
CA PRO A 11 12.53 7.97 27.50
C PRO A 11 12.32 6.66 26.72
N GLN A 12 11.10 6.12 26.81
CA GLN A 12 10.77 4.88 26.13
C GLN A 12 10.67 5.10 24.62
N ALA A 13 10.37 6.33 24.22
CA ALA A 13 10.23 6.67 22.81
C ALA A 13 11.55 7.02 22.15
N ARG A 14 12.60 7.15 22.94
CA ARG A 14 13.93 7.48 22.41
C ARG A 14 14.33 6.53 21.27
N GLY A 15 13.93 5.27 21.39
CA GLY A 15 14.25 4.31 20.36
C GLY A 15 13.57 4.66 19.04
N ALA A 16 12.27 4.89 19.10
CA ALA A 16 11.51 5.24 17.90
C ALA A 16 12.09 6.49 17.25
N GLU A 17 12.32 7.53 18.06
CA GLU A 17 12.86 8.77 17.54
C GLU A 17 14.16 8.52 16.83
N ALA A 18 15.01 7.71 17.44
CA ALA A 18 16.31 7.40 16.86
C ALA A 18 16.19 6.59 15.57
N LEU A 19 15.31 5.59 15.57
CA LEU A 19 15.09 4.74 14.42
C LEU A 19 14.50 5.51 13.22
N ALA A 20 13.72 6.55 13.50
CA ALA A 20 13.12 7.35 12.45
C ALA A 20 14.17 8.23 11.76
N GLU A 21 15.03 8.84 12.57
CA GLU A 21 16.08 9.70 12.05
C GLU A 21 17.03 8.88 11.20
N TRP A 22 17.32 7.66 11.66
CA TRP A 22 18.22 6.78 10.93
C TRP A 22 17.60 6.36 9.60
N LEU A 23 16.34 5.94 9.64
CA LEU A 23 15.62 5.54 8.43
C LEU A 23 15.57 6.68 7.43
N ALA A 24 15.17 7.86 7.90
CA ALA A 24 15.10 9.02 7.02
C ALA A 24 16.48 9.27 6.43
N TYR A 25 17.51 9.05 7.25
CA TYR A 25 18.89 9.25 6.85
C TYR A 25 19.27 8.30 5.73
N LYS A 26 19.08 7.01 5.98
CA LYS A 26 19.40 5.98 4.99
C LYS A 26 18.59 6.18 3.72
N LEU A 27 17.27 6.05 3.84
CA LEU A 27 16.36 6.20 2.70
C LEU A 27 16.45 7.56 2.02
N SER A 28 17.08 8.53 2.67
CA SER A 28 17.18 9.87 2.11
C SER A 28 15.73 10.33 1.87
N ALA A 29 14.95 10.28 2.94
CA ALA A 29 13.55 10.68 2.84
C ALA A 29 13.27 11.79 3.83
N PRO A 30 12.32 12.66 3.50
CA PRO A 30 12.00 13.76 4.41
C PRO A 30 11.36 13.19 5.67
N LEU A 31 11.48 13.89 6.80
CA LEU A 31 10.92 13.41 8.06
C LEU A 31 10.07 14.45 8.80
N THR A 32 8.87 14.04 9.22
CA THR A 32 7.94 14.90 9.96
C THR A 32 7.83 14.41 11.41
N VAL A 33 8.13 15.26 12.37
CA VAL A 33 8.04 14.88 13.78
C VAL A 33 6.82 15.56 14.40
N LEU A 34 5.97 14.77 15.02
CA LEU A 34 4.75 15.29 15.61
C LEU A 34 4.61 15.04 17.11
N PHE A 35 4.37 16.09 17.87
CA PHE A 35 4.15 15.99 19.30
C PHE A 35 2.72 16.43 19.49
N VAL A 36 1.95 15.67 20.27
CA VAL A 36 0.56 16.04 20.48
C VAL A 36 0.29 16.35 21.93
N VAL A 37 0.10 17.63 22.22
CA VAL A 37 -0.20 18.07 23.58
C VAL A 37 -1.57 17.50 23.91
N ASP A 38 -1.62 16.54 24.82
CA ASP A 38 -2.87 15.92 25.19
C ASP A 38 -3.71 16.92 25.99
N THR A 39 -4.55 17.66 25.27
CA THR A 39 -5.42 18.66 25.90
C THR A 39 -6.24 18.05 27.02
N ARG A 40 -6.66 16.80 26.82
CA ARG A 40 -7.46 16.07 27.79
C ARG A 40 -6.96 16.24 29.23
N LEU A 41 -5.74 15.77 29.49
CA LEU A 41 -5.15 15.86 30.84
C LEU A 41 -5.56 17.13 31.55
N GLU A 63 -3.95 27.87 31.29
CA GLU A 63 -3.75 27.32 32.64
C GLU A 63 -2.42 26.59 32.74
N LEU A 64 -2.45 25.40 33.32
CA LEU A 64 -1.24 24.57 33.48
C LEU A 64 -0.93 23.92 32.14
N GLU A 65 -1.89 24.00 31.22
CA GLU A 65 -1.73 23.43 29.89
C GLU A 65 -0.42 23.91 29.28
N ARG A 66 -0.08 25.17 29.54
CA ARG A 66 1.14 25.78 29.03
C ARG A 66 2.35 24.94 29.42
N ALA A 67 2.17 24.12 30.45
CA ALA A 67 3.24 23.26 30.93
C ALA A 67 3.38 22.04 30.01
N LEU A 68 2.24 21.45 29.67
CA LEU A 68 2.25 20.30 28.79
C LEU A 68 2.70 20.75 27.41
N ALA A 69 2.37 22.01 27.09
CA ALA A 69 2.73 22.58 25.79
C ALA A 69 4.14 23.14 25.75
N LEU A 70 4.68 23.51 26.91
CA LEU A 70 6.03 24.06 26.96
C LEU A 70 7.03 22.97 26.58
N ARG A 71 6.82 21.79 27.14
CA ARG A 71 7.66 20.63 26.93
C ARG A 71 7.59 20.09 25.49
N GLY A 72 6.39 20.08 24.92
CA GLY A 72 6.22 19.57 23.57
C GLY A 72 7.14 20.27 22.58
N GLU A 73 7.18 21.60 22.68
CA GLU A 73 8.02 22.39 21.80
C GLU A 73 9.46 21.99 22.02
N ALA A 74 9.83 21.80 23.29
CA ALA A 74 11.19 21.42 23.64
C ALA A 74 11.51 20.06 23.02
N VAL A 75 10.66 19.08 23.28
CA VAL A 75 10.84 17.73 22.74
C VAL A 75 11.05 17.81 21.23
N LEU A 76 10.28 18.67 20.58
CA LEU A 76 10.39 18.85 19.13
C LEU A 76 11.76 19.37 18.70
N GLU A 77 12.19 20.49 19.29
CA GLU A 77 13.49 21.08 18.93
C GLU A 77 14.62 20.11 19.19
N ARG A 78 14.48 19.35 20.27
CA ARG A 78 15.48 18.36 20.62
C ARG A 78 15.60 17.41 19.44
N VAL A 79 14.49 16.74 19.12
CA VAL A 79 14.45 15.80 18.00
C VAL A 79 14.78 16.49 16.67
N ARG A 80 14.11 17.62 16.41
CA ARG A 80 14.32 18.35 15.17
C ARG A 80 15.79 18.65 14.83
N GLN A 81 16.54 19.19 15.77
CA GLN A 81 17.95 19.53 15.51
C GLN A 81 18.85 18.30 15.51
N SER A 82 18.47 17.27 16.26
CA SER A 82 19.25 16.04 16.27
C SER A 82 19.25 15.50 14.85
N ALA A 83 18.15 15.73 14.13
CA ALA A 83 18.00 15.27 12.75
C ALA A 83 18.63 16.27 11.79
N LEU A 84 18.33 17.56 11.99
CA LEU A 84 18.88 18.62 11.14
C LEU A 84 20.37 18.39 11.06
N ALA A 85 20.96 18.06 12.20
CA ALA A 85 22.39 17.79 12.28
C ALA A 85 22.71 16.54 11.47
N ALA A 86 21.91 15.50 11.67
CA ALA A 86 22.09 14.23 10.97
C ALA A 86 21.96 14.36 9.47
N GLY A 87 21.56 15.55 9.01
CA GLY A 87 21.41 15.76 7.58
C GLY A 87 20.09 15.27 7.04
N VAL A 88 19.09 15.20 7.91
CA VAL A 88 17.77 14.73 7.50
C VAL A 88 16.79 15.88 7.32
N ALA A 89 16.19 15.96 6.14
CA ALA A 89 15.19 16.98 5.85
C ALA A 89 14.08 16.75 6.88
N VAL A 90 13.92 17.71 7.79
CA VAL A 90 12.94 17.57 8.85
C VAL A 90 11.98 18.75 9.00
N GLU A 91 10.82 18.48 9.60
CA GLU A 91 9.80 19.48 9.88
C GLU A 91 9.14 19.05 11.18
N ALA A 92 9.04 19.98 12.13
CA ALA A 92 8.43 19.69 13.42
C ALA A 92 7.02 20.22 13.47
N VAL A 93 6.13 19.47 14.11
CA VAL A 93 4.75 19.90 14.20
C VAL A 93 4.16 19.73 15.59
N LEU A 94 3.70 20.84 16.15
CA LEU A 94 3.09 20.82 17.46
C LEU A 94 1.58 20.84 17.27
N GLU A 95 0.87 20.11 18.09
CA GLU A 95 -0.58 20.08 17.98
C GLU A 95 -1.19 19.78 19.32
N GLU A 96 -2.47 20.09 19.46
CA GLU A 96 -3.16 19.86 20.72
C GLU A 96 -4.47 19.12 20.47
N GLY A 97 -4.77 18.17 21.32
CA GLY A 97 -5.99 17.40 21.16
C GLY A 97 -5.70 15.95 21.44
N VAL A 98 -6.60 15.07 21.04
CA VAL A 98 -6.41 13.64 21.25
C VAL A 98 -5.28 13.12 20.35
N PRO A 99 -4.17 12.65 20.95
CA PRO A 99 -3.01 12.12 20.22
C PRO A 99 -3.30 11.22 19.01
N HIS A 100 -3.92 10.06 19.25
CA HIS A 100 -4.19 9.16 18.15
C HIS A 100 -5.05 9.78 17.05
N GLU A 101 -5.86 10.77 17.43
CA GLU A 101 -6.71 11.44 16.46
C GLU A 101 -5.82 12.26 15.53
N ALA A 102 -4.88 12.98 16.12
CA ALA A 102 -3.96 13.81 15.35
C ALA A 102 -2.95 12.95 14.58
N ILE A 103 -2.46 11.90 15.24
CA ILE A 103 -1.49 11.01 14.62
C ILE A 103 -2.10 10.39 13.35
N LEU A 104 -3.34 9.91 13.47
CA LEU A 104 -4.03 9.30 12.34
C LEU A 104 -4.32 10.26 11.18
N ARG A 105 -4.56 11.53 11.51
CA ARG A 105 -4.83 12.51 10.48
C ARG A 105 -3.53 12.80 9.73
N ARG A 106 -2.47 13.02 10.50
CA ARG A 106 -1.15 13.32 9.96
C ARG A 106 -0.59 12.17 9.14
N ALA A 107 -0.98 10.95 9.51
CA ALA A 107 -0.51 9.74 8.82
C ALA A 107 -0.91 9.71 7.35
N ARG A 108 -2.04 10.33 7.01
CA ARG A 108 -2.52 10.35 5.64
C ARG A 108 -1.53 11.04 4.71
N ALA A 109 -0.70 11.92 5.27
CA ALA A 109 0.27 12.65 4.48
C ALA A 109 1.60 11.92 4.51
N ALA A 110 1.59 10.68 5.02
CA ALA A 110 2.81 9.91 5.14
C ALA A 110 2.75 8.54 4.49
N ASP A 111 3.90 7.87 4.42
CA ASP A 111 4.00 6.55 3.84
C ASP A 111 4.39 5.50 4.88
N LEU A 112 4.96 5.98 5.98
CA LEU A 112 5.40 5.11 7.06
C LEU A 112 5.26 5.85 8.37
N LEU A 113 4.64 5.20 9.35
CA LEU A 113 4.44 5.79 10.67
C LEU A 113 5.30 5.10 11.74
N VAL A 114 6.14 5.89 12.43
CA VAL A 114 7.01 5.33 13.48
C VAL A 114 6.59 5.74 14.90
N LEU A 115 6.38 4.76 15.78
CA LEU A 115 5.97 5.03 17.17
C LEU A 115 6.89 4.45 18.24
N GLY A 116 6.98 5.16 19.37
CA GLY A 116 7.76 4.67 20.49
C GLY A 116 6.82 3.76 21.28
N ARG A 117 7.33 2.62 21.77
CA ARG A 117 6.49 1.68 22.48
C ARG A 117 5.62 2.24 23.61
N SER A 118 6.15 3.16 24.42
CA SER A 118 5.32 3.72 25.48
C SER A 118 4.67 5.03 25.03
N ASP A 124 -3.80 -1.31 29.42
CA ASP A 124 -2.50 -1.76 28.95
C ASP A 124 -2.49 -1.84 27.42
N GLY A 125 -3.68 -1.88 26.83
CA GLY A 125 -3.81 -1.93 25.39
C GLY A 125 -3.07 -3.05 24.67
N PHE A 126 -3.32 -3.14 23.37
CA PHE A 126 -2.71 -4.14 22.49
C PHE A 126 -1.19 -4.18 22.68
N GLY A 127 -0.65 -5.38 22.77
CA GLY A 127 0.78 -5.54 22.96
C GLY A 127 1.36 -4.67 24.07
N GLY A 128 0.50 -4.20 24.97
CA GLY A 128 0.95 -3.36 26.06
C GLY A 128 1.55 -2.06 25.54
N LEU A 129 1.09 -1.61 24.38
CA LEU A 129 1.61 -0.39 23.78
C LEU A 129 0.88 0.85 24.28
N GLY A 130 -0.11 0.65 25.14
CA GLY A 130 -0.85 1.78 25.66
C GLY A 130 -2.06 2.04 24.78
N SER A 131 -2.97 2.86 25.28
CA SER A 131 -4.21 3.19 24.57
C SER A 131 -4.00 4.00 23.29
N THR A 132 -3.09 4.97 23.31
CA THR A 132 -2.83 5.79 22.13
C THR A 132 -2.26 4.96 20.98
N ALA A 133 -1.13 4.32 21.20
CA ALA A 133 -0.52 3.48 20.15
C ALA A 133 -1.52 2.38 19.75
N ASP A 134 -2.33 1.95 20.69
CA ASP A 134 -3.33 0.92 20.44
C ASP A 134 -4.38 1.37 19.42
N ARG A 135 -4.83 2.62 19.55
CA ARG A 135 -5.85 3.18 18.65
C ARG A 135 -5.29 3.42 17.26
N VAL A 136 -4.04 3.90 17.20
CA VAL A 136 -3.40 4.16 15.92
C VAL A 136 -3.37 2.87 15.09
N LEU A 137 -2.87 1.78 15.69
CA LEU A 137 -2.76 0.50 14.99
C LEU A 137 -4.10 0.01 14.48
N ARG A 138 -5.19 0.46 15.11
CA ARG A 138 -6.52 0.06 14.72
C ARG A 138 -7.09 0.72 13.46
N ALA A 139 -6.55 1.87 13.05
CA ALA A 139 -7.06 2.51 11.84
C ALA A 139 -6.04 3.34 11.04
N SER A 140 -4.76 2.99 11.14
CA SER A 140 -3.74 3.72 10.40
C SER A 140 -3.84 3.44 8.90
N PRO A 141 -3.73 4.50 8.08
CA PRO A 141 -3.79 4.32 6.63
C PRO A 141 -2.50 3.73 6.06
N VAL A 142 -1.44 3.73 6.87
CA VAL A 142 -0.14 3.23 6.43
C VAL A 142 0.50 2.26 7.42
N PRO A 143 1.57 1.57 6.99
CA PRO A 143 2.27 0.63 7.88
C PRO A 143 2.71 1.35 9.14
N VAL A 144 2.80 0.64 10.26
CA VAL A 144 3.21 1.26 11.51
C VAL A 144 4.43 0.56 12.09
N LEU A 145 5.53 1.30 12.21
CA LEU A 145 6.78 0.76 12.75
C LEU A 145 6.85 0.95 14.28
N LEU A 146 6.93 -0.17 15.01
CA LEU A 146 7.02 -0.14 16.46
C LEU A 146 8.48 -0.35 16.83
N ALA A 147 9.10 0.65 17.45
CA ALA A 147 10.50 0.54 17.82
C ALA A 147 10.69 0.22 19.30
N PRO A 148 11.74 -0.54 19.63
CA PRO A 148 11.98 -0.88 21.04
C PRO A 148 12.49 0.35 21.79
N GLY A 149 12.53 0.27 23.11
CA GLY A 149 13.00 1.41 23.89
C GLY A 149 14.43 1.81 23.58
N GLU A 150 15.33 0.84 23.64
CA GLU A 150 16.75 1.07 23.39
C GLU A 150 17.07 0.93 21.90
N PRO A 151 17.70 1.96 21.31
CA PRO A 151 18.06 1.95 19.88
C PRO A 151 18.82 0.67 19.53
N VAL A 152 19.31 0.59 18.30
CA VAL A 152 20.07 -0.57 17.86
C VAL A 152 20.29 -0.51 16.34
N GLU A 153 21.11 -1.42 15.82
CA GLU A 153 21.42 -1.44 14.39
C GLU A 153 20.71 -2.58 13.66
N LEU A 154 19.99 -2.25 12.61
CA LEU A 154 19.27 -3.25 11.82
C LEU A 154 20.25 -4.08 11.00
N GLU A 155 20.29 -5.37 11.29
CA GLU A 155 21.20 -6.28 10.60
C GLU A 155 20.47 -7.27 9.70
N GLY A 156 19.18 -7.43 9.92
CA GLY A 156 18.39 -8.35 9.12
C GLY A 156 16.90 -8.10 9.21
N ALA A 157 16.10 -8.96 8.61
CA ALA A 157 14.67 -8.77 8.66
C ALA A 157 13.92 -10.07 8.45
N LEU A 158 12.68 -10.12 8.90
CA LEU A 158 11.86 -11.30 8.72
C LEU A 158 10.40 -10.98 8.53
N LEU A 159 9.71 -11.88 7.83
CA LEU A 159 8.32 -11.69 7.53
C LEU A 159 7.44 -12.87 7.93
N GLY A 160 6.43 -12.59 8.75
CA GLY A 160 5.48 -13.62 9.14
C GLY A 160 4.48 -13.57 7.99
N TYR A 161 4.33 -14.65 7.24
CA TYR A 161 3.42 -14.65 6.09
C TYR A 161 2.51 -15.87 5.98
N ASP A 162 1.22 -15.62 5.75
CA ASP A 162 0.24 -16.70 5.58
C ASP A 162 -0.63 -16.41 4.37
N ALA A 163 -0.25 -15.39 3.60
CA ALA A 163 -0.98 -15.02 2.39
C ALA A 163 -2.33 -14.36 2.68
N SER A 164 -2.52 -13.90 3.91
CA SER A 164 -3.76 -13.22 4.26
C SER A 164 -3.58 -11.76 3.84
N GLU A 165 -4.68 -11.08 3.51
CA GLU A 165 -4.63 -9.69 3.08
C GLU A 165 -3.66 -8.79 3.86
N SER A 166 -3.63 -8.91 5.18
CA SER A 166 -2.72 -8.07 5.96
C SER A 166 -1.26 -8.53 5.89
N ALA A 167 -1.08 -9.81 5.58
CA ALA A 167 0.27 -10.34 5.45
C ALA A 167 0.80 -9.83 4.11
N VAL A 168 -0.08 -9.77 3.10
CA VAL A 168 0.30 -9.26 1.78
C VAL A 168 0.73 -7.80 1.89
N ARG A 169 -0.03 -7.00 2.63
CA ARG A 169 0.33 -5.60 2.81
C ARG A 169 1.63 -5.48 3.54
N ALA A 170 1.88 -6.37 4.50
CA ALA A 170 3.12 -6.35 5.27
C ALA A 170 4.27 -6.72 4.32
N LEU A 171 4.05 -7.74 3.50
CA LEU A 171 5.02 -8.19 2.52
C LEU A 171 5.43 -7.01 1.60
N HIS A 172 4.43 -6.32 1.04
CA HIS A 172 4.68 -5.19 0.15
C HIS A 172 5.36 -4.01 0.84
N ALA A 173 5.00 -3.77 2.09
CA ALA A 173 5.60 -2.67 2.83
C ALA A 173 7.07 -2.96 3.15
N LEU A 174 7.36 -4.21 3.51
CA LEU A 174 8.72 -4.61 3.85
C LEU A 174 9.71 -4.55 2.69
N ALA A 175 9.33 -5.09 1.53
CA ALA A 175 10.23 -5.13 0.36
C ALA A 175 11.10 -3.90 0.08
N PRO A 176 10.49 -2.72 -0.12
CA PRO A 176 11.28 -1.51 -0.40
C PRO A 176 12.26 -1.17 0.72
N LEU A 177 11.83 -1.29 1.98
CA LEU A 177 12.71 -1.00 3.10
C LEU A 177 13.89 -1.98 3.15
N ALA A 178 13.59 -3.26 3.02
CA ALA A 178 14.63 -4.29 3.04
C ALA A 178 15.65 -3.99 1.94
N ARG A 179 15.13 -3.69 0.75
CA ARG A 179 15.97 -3.40 -0.41
C ARG A 179 16.88 -2.19 -0.19
N ALA A 180 16.30 -1.09 0.26
CA ALA A 180 17.05 0.14 0.50
C ALA A 180 18.06 0.01 1.65
N LEU A 181 17.72 -0.75 2.68
CA LEU A 181 18.63 -0.90 3.82
C LEU A 181 19.59 -2.09 3.67
N GLY A 182 19.50 -2.80 2.55
CA GLY A 182 20.36 -3.94 2.29
C GLY A 182 20.13 -5.16 3.17
N LEU A 183 18.92 -5.34 3.68
CA LEU A 183 18.62 -6.46 4.56
C LEU A 183 18.03 -7.68 3.88
N GLY A 184 18.56 -8.85 4.20
CA GLY A 184 18.02 -10.06 3.63
C GLY A 184 16.75 -10.35 4.42
N VAL A 185 15.83 -11.10 3.85
CA VAL A 185 14.58 -11.38 4.55
C VAL A 185 14.27 -12.87 4.71
N ARG A 186 14.08 -13.29 5.95
CA ARG A 186 13.72 -14.68 6.21
C ARG A 186 12.18 -14.73 6.29
N VAL A 187 11.56 -15.40 5.32
CA VAL A 187 10.11 -15.52 5.33
C VAL A 187 9.72 -16.65 6.27
N VAL A 188 8.77 -16.38 7.15
CA VAL A 188 8.34 -17.39 8.11
C VAL A 188 6.86 -17.75 8.01
N SER A 189 6.58 -18.98 7.58
CA SER A 189 5.22 -19.47 7.47
C SER A 189 5.02 -20.62 8.44
N VAL A 190 3.87 -20.62 9.11
CA VAL A 190 3.54 -21.64 10.11
C VAL A 190 2.14 -22.22 9.93
N HIS A 191 2.07 -23.54 9.80
CA HIS A 191 0.79 -24.20 9.63
C HIS A 191 0.93 -25.69 9.93
N GLU A 192 -0.18 -26.33 10.31
CA GLU A 192 -0.17 -27.76 10.62
C GLU A 192 0.25 -28.54 9.39
N ASP A 193 -0.19 -28.10 8.22
CA ASP A 193 0.16 -28.77 6.97
C ASP A 193 1.39 -28.11 6.34
N PRO A 194 2.50 -28.87 6.26
CA PRO A 194 3.72 -28.31 5.67
C PRO A 194 3.56 -27.92 4.20
N ALA A 195 2.61 -28.52 3.51
CA ALA A 195 2.40 -28.18 2.09
C ALA A 195 1.80 -26.77 1.95
N ARG A 196 0.90 -26.43 2.87
CA ARG A 196 0.24 -25.14 2.86
C ARG A 196 1.26 -24.06 3.19
N ALA A 197 2.02 -24.30 4.25
CA ALA A 197 3.05 -23.36 4.74
C ALA A 197 4.19 -23.15 3.74
N GLU A 198 4.48 -24.16 2.92
CA GLU A 198 5.56 -24.03 1.94
C GLU A 198 5.11 -23.14 0.76
N ALA A 199 3.85 -23.28 0.38
CA ALA A 199 3.30 -22.48 -0.71
C ALA A 199 3.30 -21.02 -0.30
N TRP A 200 2.98 -20.74 0.96
CA TRP A 200 2.96 -19.36 1.42
C TRP A 200 4.37 -18.76 1.43
N ALA A 201 5.30 -19.46 2.06
CA ALA A 201 6.67 -19.01 2.16
C ALA A 201 7.30 -18.73 0.79
N LEU A 202 7.02 -19.61 -0.17
CA LEU A 202 7.56 -19.47 -1.53
C LEU A 202 6.95 -18.30 -2.29
N GLU A 203 5.64 -18.14 -2.18
CA GLU A 203 4.93 -17.05 -2.84
C GLU A 203 5.59 -15.74 -2.40
N ALA A 204 5.77 -15.58 -1.08
CA ALA A 204 6.39 -14.37 -0.54
C ALA A 204 7.87 -14.24 -0.89
N GLU A 205 8.58 -15.35 -0.92
CA GLU A 205 9.99 -15.30 -1.24
C GLU A 205 10.14 -14.86 -2.70
N ALA A 206 9.28 -15.40 -3.56
CA ALA A 206 9.29 -15.04 -4.98
C ALA A 206 9.09 -13.53 -5.14
N TYR A 207 8.08 -12.98 -4.46
CA TYR A 207 7.77 -11.55 -4.55
C TYR A 207 8.97 -10.72 -4.10
N LEU A 208 9.56 -11.08 -2.97
CA LEU A 208 10.71 -10.32 -2.49
C LEU A 208 11.85 -10.37 -3.52
N ARG A 209 12.10 -11.55 -4.10
CA ARG A 209 13.15 -11.67 -5.08
C ARG A 209 12.80 -10.84 -6.33
N ASP A 210 11.52 -10.83 -6.70
CA ASP A 210 11.12 -10.06 -7.86
C ASP A 210 11.28 -8.56 -7.59
N HIS A 211 11.54 -8.20 -6.33
CA HIS A 211 11.74 -6.80 -5.98
C HIS A 211 13.14 -6.51 -5.46
N GLY A 212 14.11 -7.31 -5.94
CA GLY A 212 15.51 -7.11 -5.56
C GLY A 212 15.88 -7.29 -4.11
N VAL A 213 15.25 -8.26 -3.47
CA VAL A 213 15.51 -8.54 -2.08
C VAL A 213 15.97 -9.99 -1.96
N GLU A 214 17.01 -10.23 -1.16
CA GLU A 214 17.50 -11.60 -0.97
C GLU A 214 16.64 -12.25 0.10
N ALA A 215 16.09 -13.41 -0.19
CA ALA A 215 15.23 -14.06 0.80
C ALA A 215 15.28 -15.58 0.86
N SER A 216 14.76 -16.10 1.97
CA SER A 216 14.67 -17.53 2.18
C SER A 216 13.27 -17.85 2.73
N ALA A 217 12.89 -19.12 2.65
CA ALA A 217 11.60 -19.55 3.12
C ALA A 217 11.73 -20.60 4.24
N LEU A 218 11.22 -20.27 5.42
CA LEU A 218 11.27 -21.19 6.54
C LEU A 218 9.85 -21.76 6.72
N VAL A 219 9.74 -23.08 6.54
CA VAL A 219 8.46 -23.79 6.68
C VAL A 219 8.41 -24.51 8.02
N LEU A 220 7.58 -24.03 8.93
CA LEU A 220 7.49 -24.64 10.26
C LEU A 220 6.08 -24.93 10.75
N GLY A 221 6.02 -25.68 11.86
CA GLY A 221 4.75 -26.02 12.49
C GLY A 221 4.83 -25.52 13.93
N GLY A 222 3.87 -25.90 14.76
CA GLY A 222 3.90 -25.47 16.14
C GLY A 222 3.29 -24.10 16.34
N ASP A 223 3.85 -23.34 17.27
CA ASP A 223 3.33 -22.02 17.59
C ASP A 223 4.08 -20.90 16.87
N ALA A 224 3.35 -20.16 16.03
CA ALA A 224 3.89 -19.06 15.24
C ALA A 224 4.61 -18.00 16.08
N ALA A 225 3.94 -17.49 17.10
CA ALA A 225 4.53 -16.46 17.94
C ALA A 225 5.84 -16.94 18.58
N ASP A 226 5.89 -18.20 18.99
CA ASP A 226 7.10 -18.75 19.58
C ASP A 226 8.25 -18.67 18.57
N HIS A 227 8.00 -19.17 17.36
CA HIS A 227 9.01 -19.14 16.32
C HIS A 227 9.49 -17.72 16.04
N LEU A 228 8.54 -16.84 15.72
CA LEU A 228 8.86 -15.45 15.43
C LEU A 228 9.66 -14.84 16.57
N LEU A 229 9.24 -15.07 17.81
CA LEU A 229 9.98 -14.51 18.93
C LEU A 229 11.35 -15.18 19.09
N ARG A 230 11.45 -16.45 18.75
CA ARG A 230 12.73 -17.14 18.81
C ARG A 230 13.66 -16.55 17.74
N LEU A 231 13.14 -16.51 16.50
CA LEU A 231 13.87 -16.02 15.34
C LEU A 231 14.32 -14.56 15.33
N GLN A 232 13.65 -13.69 16.06
CA GLN A 232 14.03 -12.29 16.04
C GLN A 232 14.91 -11.80 17.18
N GLY A 233 16.09 -11.30 16.83
CA GLY A 233 16.99 -10.76 17.83
C GLY A 233 16.77 -9.26 17.83
N PRO A 234 17.44 -8.49 18.71
CA PRO A 234 17.24 -7.04 18.73
C PRO A 234 17.65 -6.37 17.43
N GLY A 235 18.46 -7.05 16.63
CA GLY A 235 18.92 -6.46 15.38
C GLY A 235 18.03 -6.75 14.18
N ASP A 236 16.95 -7.49 14.38
CA ASP A 236 16.06 -7.83 13.27
C ASP A 236 14.74 -7.05 13.23
N LEU A 237 14.33 -6.69 12.02
CA LEU A 237 13.08 -6.01 11.76
C LEU A 237 12.12 -7.12 11.37
N LEU A 238 11.05 -7.29 12.14
CA LEU A 238 10.05 -8.32 11.87
C LEU A 238 8.83 -7.61 11.30
N ALA A 239 8.36 -8.06 10.13
CA ALA A 239 7.20 -7.45 9.53
C ALA A 239 6.07 -8.46 9.63
N LEU A 240 4.87 -7.99 9.95
CA LEU A 240 3.73 -8.89 10.01
C LEU A 240 2.41 -8.16 9.95
N GLY A 241 1.41 -8.83 9.39
CA GLY A 241 0.10 -8.25 9.31
C GLY A 241 -0.53 -8.26 10.69
N ALA A 242 -1.28 -7.21 10.99
CA ALA A 242 -1.97 -7.09 12.27
C ALA A 242 -3.38 -6.60 11.99
N PRO A 243 -4.24 -7.48 11.43
CA PRO A 243 -5.63 -7.15 11.09
C PRO A 243 -6.49 -6.88 12.33
N VAL A 244 -7.51 -6.03 12.18
CA VAL A 244 -8.40 -5.67 13.28
C VAL A 244 -8.95 -6.88 14.05
N ARG A 245 -9.29 -7.95 13.33
CA ARG A 245 -9.83 -9.15 13.98
C ARG A 245 -8.81 -9.89 14.87
N ARG A 246 -7.54 -9.51 14.76
CA ARG A 246 -6.47 -10.13 15.54
C ARG A 246 -5.77 -9.08 16.40
N LEU A 247 -6.47 -7.99 16.67
CA LEU A 247 -5.93 -6.91 17.49
C LEU A 247 -6.53 -7.06 18.89
N VAL A 248 -6.66 -8.31 19.32
CA VAL A 248 -7.19 -8.63 20.64
C VAL A 248 -6.09 -9.35 21.41
N PHE A 249 -6.14 -9.30 22.73
CA PHE A 249 -5.12 -9.98 23.52
C PHE A 249 -5.06 -11.47 23.20
N GLY A 250 -3.84 -12.00 23.05
CA GLY A 250 -3.70 -13.42 22.76
C GLY A 250 -3.40 -13.85 21.33
N SER A 251 -3.72 -13.02 20.34
CA SER A 251 -3.44 -13.39 18.94
C SER A 251 -1.94 -13.49 18.75
N THR A 252 -1.53 -14.11 17.65
CA THR A 252 -0.12 -14.26 17.33
C THR A 252 0.55 -12.90 17.27
N ALA A 253 -0.07 -11.97 16.55
CA ALA A 253 0.47 -10.62 16.41
C ALA A 253 0.58 -9.90 17.74
N GLU A 254 -0.38 -10.15 18.62
CA GLU A 254 -0.40 -9.51 19.93
C GLU A 254 0.76 -9.98 20.81
N ARG A 255 1.06 -11.27 20.80
CA ARG A 255 2.16 -11.78 21.63
C ARG A 255 3.52 -11.37 21.09
N VAL A 256 3.63 -11.28 19.76
CA VAL A 256 4.88 -10.91 19.12
C VAL A 256 5.26 -9.46 19.43
N ILE A 257 4.32 -8.56 19.21
CA ILE A 257 4.54 -7.15 19.45
C ILE A 257 4.85 -6.88 20.91
N ARG A 258 4.13 -7.56 21.79
CA ARG A 258 4.33 -7.39 23.23
C ARG A 258 5.69 -7.90 23.70
N ASN A 259 6.18 -8.96 23.07
CA ASN A 259 7.45 -9.53 23.46
C ASN A 259 8.59 -9.32 22.47
N ALA A 260 8.32 -8.61 21.39
CA ALA A 260 9.33 -8.35 20.37
C ALA A 260 10.59 -7.72 20.95
N GLN A 261 11.75 -8.24 20.54
CA GLN A 261 13.01 -7.72 21.01
C GLN A 261 13.49 -6.56 20.13
N GLY A 262 13.19 -6.66 18.83
CA GLY A 262 13.58 -5.62 17.90
C GLY A 262 12.40 -4.89 17.28
N PRO A 263 12.66 -4.02 16.29
CA PRO A 263 11.62 -3.26 15.60
C PRO A 263 10.59 -4.16 14.93
N VAL A 264 9.32 -3.76 14.98
CA VAL A 264 8.28 -4.54 14.34
C VAL A 264 7.52 -3.66 13.37
N LEU A 265 7.35 -4.15 12.15
CA LEU A 265 6.62 -3.42 11.13
C LEU A 265 5.28 -4.07 10.94
N THR A 266 4.20 -3.33 11.19
CA THR A 266 2.85 -3.85 11.04
C THR A 266 2.06 -3.15 9.94
N ALA A 267 1.10 -3.87 9.37
CA ALA A 267 0.21 -3.36 8.34
C ALA A 267 -1.14 -4.09 8.46
N ARG A 268 -2.20 -3.47 7.98
CA ARG A 268 -3.54 -4.07 8.01
C ARG A 268 -4.06 -4.18 6.58
N MET B 1 8.59 -2.95 -9.73
CA MET B 1 7.11 -3.07 -9.64
C MET B 1 6.61 -4.08 -10.67
N ARG B 2 5.80 -5.01 -10.22
CA ARG B 2 5.26 -6.06 -11.06
C ARG B 2 3.84 -5.74 -11.47
N ILE B 3 3.59 -5.76 -12.78
CA ILE B 3 2.28 -5.48 -13.35
C ILE B 3 1.64 -6.76 -13.80
N LEU B 4 0.40 -7.00 -13.35
CA LEU B 4 -0.33 -8.18 -13.75
C LEU B 4 -1.46 -7.78 -14.72
N LEU B 5 -1.41 -8.30 -15.92
CA LEU B 5 -2.43 -8.05 -16.93
C LEU B 5 -3.28 -9.29 -17.04
N ALA B 6 -4.60 -9.14 -16.88
CA ALA B 6 -5.51 -10.27 -17.02
C ALA B 6 -6.29 -9.98 -18.29
N THR B 7 -6.13 -10.82 -19.31
CA THR B 7 -6.82 -10.64 -20.58
C THR B 7 -7.56 -11.90 -20.98
N ASP B 8 -8.79 -11.72 -21.44
CA ASP B 8 -9.61 -12.86 -21.88
C ASP B 8 -9.58 -12.96 -23.40
N GLY B 9 -8.81 -12.08 -24.04
CA GLY B 9 -8.67 -12.11 -25.48
C GLY B 9 -9.62 -11.24 -26.28
N SER B 10 -10.90 -11.26 -25.91
CA SER B 10 -11.92 -10.48 -26.61
C SER B 10 -11.50 -9.07 -26.97
N PRO B 11 -12.27 -8.40 -27.85
CA PRO B 11 -11.96 -7.02 -28.26
C PRO B 11 -12.09 -6.08 -27.08
N GLN B 12 -12.96 -6.43 -26.14
CA GLN B 12 -13.20 -5.63 -24.94
C GLN B 12 -12.06 -5.77 -23.93
N ALA B 13 -10.88 -6.13 -24.43
CA ALA B 13 -9.71 -6.29 -23.58
C ALA B 13 -8.46 -5.77 -24.27
N ARG B 14 -8.62 -5.34 -25.52
CA ARG B 14 -7.50 -4.82 -26.28
C ARG B 14 -6.98 -3.56 -25.60
N GLY B 15 -7.87 -2.89 -24.88
CA GLY B 15 -7.50 -1.68 -24.17
C GLY B 15 -6.63 -1.96 -22.95
N ALA B 16 -6.93 -3.04 -22.26
CA ALA B 16 -6.16 -3.41 -21.08
C ALA B 16 -4.80 -3.90 -21.54
N GLU B 17 -4.81 -4.73 -22.58
CA GLU B 17 -3.58 -5.29 -23.15
C GLU B 17 -2.60 -4.20 -23.56
N ALA B 18 -3.10 -3.16 -24.21
CA ALA B 18 -2.26 -2.07 -24.66
C ALA B 18 -1.78 -1.21 -23.50
N LEU B 19 -2.71 -0.86 -22.61
CA LEU B 19 -2.36 -0.03 -21.46
C LEU B 19 -1.32 -0.72 -20.59
N ALA B 20 -1.53 -2.01 -20.33
CA ALA B 20 -0.60 -2.79 -19.51
C ALA B 20 0.78 -2.80 -20.16
N GLU B 21 0.83 -3.20 -21.44
CA GLU B 21 2.10 -3.26 -22.18
C GLU B 21 2.73 -1.88 -22.21
N TRP B 22 1.87 -0.87 -22.33
CA TRP B 22 2.34 0.51 -22.39
C TRP B 22 2.88 0.98 -21.05
N LEU B 23 2.21 0.58 -19.97
CA LEU B 23 2.64 0.96 -18.62
C LEU B 23 3.96 0.25 -18.31
N ALA B 24 4.10 -0.98 -18.79
CA ALA B 24 5.31 -1.76 -18.58
C ALA B 24 6.48 -1.09 -19.30
N TYR B 25 6.31 -0.84 -20.59
CA TYR B 25 7.36 -0.18 -21.38
C TYR B 25 7.78 1.13 -20.73
N LYS B 26 6.79 1.90 -20.28
CA LYS B 26 7.04 3.19 -19.66
C LYS B 26 7.67 3.18 -18.28
N LEU B 27 7.41 2.16 -17.48
CA LEU B 27 7.97 2.09 -16.13
C LEU B 27 9.08 1.06 -16.04
N SER B 28 9.46 0.49 -17.18
CA SER B 28 10.50 -0.53 -17.22
C SER B 28 10.17 -1.51 -16.11
N ALA B 29 8.95 -2.02 -16.15
CA ALA B 29 8.49 -2.96 -15.15
C ALA B 29 8.11 -4.27 -15.80
N PRO B 30 8.42 -5.39 -15.15
CA PRO B 30 8.07 -6.67 -15.74
C PRO B 30 6.56 -6.82 -15.81
N LEU B 31 6.07 -7.47 -16.87
CA LEU B 31 4.65 -7.68 -17.04
C LEU B 31 4.34 -9.18 -16.99
N THR B 32 3.26 -9.53 -16.31
CA THR B 32 2.80 -10.91 -16.19
C THR B 32 1.38 -10.95 -16.77
N VAL B 33 1.24 -11.62 -17.92
CA VAL B 33 -0.05 -11.73 -18.57
C VAL B 33 -0.69 -13.03 -18.14
N LEU B 34 -1.95 -12.98 -17.74
CA LEU B 34 -2.62 -14.17 -17.30
C LEU B 34 -3.88 -14.45 -18.10
N PHE B 35 -4.07 -15.70 -18.50
CA PHE B 35 -5.26 -16.10 -19.24
C PHE B 35 -5.88 -17.22 -18.43
N VAL B 36 -7.20 -17.18 -18.29
CA VAL B 36 -7.87 -18.21 -17.49
C VAL B 36 -8.99 -18.92 -18.24
N VAL B 37 -8.76 -20.18 -18.57
CA VAL B 37 -9.77 -21.00 -19.25
C VAL B 37 -10.87 -21.24 -18.23
N ASP B 38 -12.03 -20.62 -18.45
CA ASP B 38 -13.16 -20.76 -17.54
C ASP B 38 -13.83 -22.12 -17.71
N THR B 39 -13.24 -23.15 -17.13
CA THR B 39 -13.79 -24.50 -17.23
C THR B 39 -15.30 -24.51 -17.00
N ARG B 40 -15.72 -24.02 -15.84
CA ARG B 40 -17.14 -23.98 -15.45
C ARG B 40 -18.10 -24.11 -16.63
N THR B 62 -12.13 -33.08 -22.83
CA THR B 62 -12.72 -33.86 -23.90
C THR B 62 -12.99 -33.03 -25.15
N GLU B 63 -13.84 -32.01 -25.02
CA GLU B 63 -14.18 -31.17 -26.17
C GLU B 63 -13.68 -29.72 -26.09
N LEU B 64 -14.56 -28.83 -25.62
CA LEU B 64 -14.24 -27.43 -25.49
C LEU B 64 -12.83 -27.22 -24.96
N GLU B 65 -12.43 -28.10 -24.04
CA GLU B 65 -11.11 -28.05 -23.43
C GLU B 65 -10.03 -27.62 -24.43
N ARG B 66 -9.55 -28.58 -25.22
CA ARG B 66 -8.51 -28.32 -26.21
C ARG B 66 -8.74 -27.03 -26.99
N ALA B 67 -10.00 -26.73 -27.25
CA ALA B 67 -10.37 -25.52 -28.00
C ALA B 67 -10.00 -24.26 -27.22
N LEU B 68 -10.64 -24.10 -26.06
CA LEU B 68 -10.41 -22.96 -25.20
C LEU B 68 -8.93 -22.77 -24.89
N ALA B 69 -8.31 -23.83 -24.37
CA ALA B 69 -6.89 -23.79 -24.02
C ALA B 69 -6.05 -23.34 -25.22
N LEU B 70 -6.43 -23.81 -26.40
CA LEU B 70 -5.72 -23.45 -27.62
C LEU B 70 -5.77 -21.94 -27.80
N ARG B 71 -6.96 -21.37 -27.67
CA ARG B 71 -7.13 -19.92 -27.82
C ARG B 71 -6.31 -19.19 -26.76
N GLY B 72 -6.48 -19.61 -25.51
CA GLY B 72 -5.75 -18.99 -24.42
C GLY B 72 -4.27 -18.84 -24.75
N GLU B 73 -3.71 -19.87 -25.37
CA GLU B 73 -2.30 -19.86 -25.74
C GLU B 73 -2.07 -18.96 -26.96
N ALA B 74 -3.12 -18.75 -27.74
CA ALA B 74 -3.02 -17.89 -28.90
C ALA B 74 -2.98 -16.47 -28.36
N VAL B 75 -3.91 -16.18 -27.45
CA VAL B 75 -4.00 -14.87 -26.83
C VAL B 75 -2.71 -14.56 -26.09
N LEU B 76 -2.28 -15.48 -25.21
CA LEU B 76 -1.06 -15.29 -24.45
C LEU B 76 0.16 -15.11 -25.36
N GLU B 77 0.33 -16.01 -26.32
CA GLU B 77 1.45 -15.94 -27.25
C GLU B 77 1.42 -14.62 -28.03
N ARG B 78 0.20 -14.15 -28.27
CA ARG B 78 0.01 -12.89 -28.99
C ARG B 78 0.49 -11.69 -28.17
N VAL B 79 0.06 -11.61 -26.92
CA VAL B 79 0.45 -10.49 -26.06
C VAL B 79 1.95 -10.53 -25.78
N ARG B 80 2.48 -11.74 -25.61
CA ARG B 80 3.90 -11.96 -25.33
C ARG B 80 4.78 -11.33 -26.42
N GLN B 81 4.54 -11.73 -27.67
CA GLN B 81 5.30 -11.22 -28.80
C GLN B 81 5.24 -9.69 -28.86
N SER B 82 4.08 -9.12 -28.54
CA SER B 82 3.89 -7.68 -28.57
C SER B 82 4.76 -7.01 -27.52
N ALA B 83 4.73 -7.56 -26.31
CA ALA B 83 5.52 -7.05 -25.20
C ALA B 83 7.01 -7.14 -25.53
N LEU B 84 7.42 -8.29 -26.08
CA LEU B 84 8.81 -8.52 -26.47
C LEU B 84 9.18 -7.51 -27.55
N ALA B 85 8.41 -7.52 -28.63
CA ALA B 85 8.65 -6.60 -29.74
C ALA B 85 8.73 -5.17 -29.20
N ALA B 86 7.98 -4.91 -28.13
CA ALA B 86 7.96 -3.59 -27.49
C ALA B 86 9.11 -3.47 -26.50
N GLY B 87 9.84 -4.56 -26.30
CA GLY B 87 10.95 -4.54 -25.37
C GLY B 87 10.50 -4.40 -23.93
N VAL B 88 9.87 -5.47 -23.42
CA VAL B 88 9.39 -5.49 -22.05
C VAL B 88 9.51 -6.90 -21.52
N ALA B 89 10.15 -7.06 -20.36
CA ALA B 89 10.31 -8.39 -19.77
C ALA B 89 8.89 -8.91 -19.57
N VAL B 90 8.56 -10.03 -20.20
CA VAL B 90 7.22 -10.56 -20.10
C VAL B 90 7.15 -12.03 -19.73
N GLU B 91 6.00 -12.43 -19.17
CA GLU B 91 5.76 -13.80 -18.75
C GLU B 91 4.28 -14.09 -18.96
N ALA B 92 3.98 -15.26 -19.50
CA ALA B 92 2.59 -15.62 -19.73
C ALA B 92 2.20 -16.81 -18.87
N VAL B 93 0.98 -16.80 -18.37
CA VAL B 93 0.53 -17.89 -17.53
C VAL B 93 -0.87 -18.34 -17.98
N LEU B 94 -1.05 -19.65 -18.12
CA LEU B 94 -2.33 -20.19 -18.52
C LEU B 94 -2.91 -20.88 -17.30
N GLU B 95 -4.06 -20.42 -16.85
CA GLU B 95 -4.68 -21.01 -15.70
C GLU B 95 -6.04 -21.61 -16.00
N GLU B 96 -6.37 -22.65 -15.26
CA GLU B 96 -7.63 -23.36 -15.38
C GLU B 96 -8.32 -23.12 -14.06
N GLY B 97 -9.62 -22.86 -14.09
CA GLY B 97 -10.35 -22.59 -12.85
C GLY B 97 -11.20 -21.36 -13.01
N VAL B 98 -11.66 -20.77 -11.91
CA VAL B 98 -12.50 -19.58 -12.03
C VAL B 98 -11.64 -18.31 -12.13
N PRO B 99 -11.88 -17.51 -13.18
CA PRO B 99 -11.18 -16.25 -13.48
C PRO B 99 -10.84 -15.34 -12.31
N HIS B 100 -11.83 -14.90 -11.54
CA HIS B 100 -11.52 -14.01 -10.44
C HIS B 100 -10.68 -14.66 -9.35
N GLU B 101 -10.97 -15.91 -9.02
CA GLU B 101 -10.19 -16.60 -8.02
C GLU B 101 -8.72 -16.66 -8.44
N ALA B 102 -8.48 -16.89 -9.73
CA ALA B 102 -7.11 -16.99 -10.22
C ALA B 102 -6.45 -15.62 -10.19
N ILE B 103 -7.14 -14.64 -10.78
CA ILE B 103 -6.65 -13.28 -10.84
C ILE B 103 -6.36 -12.75 -9.43
N LEU B 104 -7.29 -12.97 -8.50
CA LEU B 104 -7.10 -12.50 -7.12
C LEU B 104 -5.94 -13.20 -6.43
N ARG B 105 -5.70 -14.46 -6.82
CA ARG B 105 -4.58 -15.22 -6.24
C ARG B 105 -3.26 -14.70 -6.81
N ARG B 106 -3.21 -14.57 -8.12
CA ARG B 106 -2.02 -14.09 -8.81
C ARG B 106 -1.75 -12.64 -8.43
N ALA B 107 -2.82 -11.93 -8.08
CA ALA B 107 -2.71 -10.53 -7.69
C ALA B 107 -1.81 -10.32 -6.48
N ARG B 108 -1.71 -11.33 -5.64
CA ARG B 108 -0.87 -11.25 -4.45
C ARG B 108 0.61 -11.02 -4.81
N ALA B 109 1.02 -11.51 -5.98
CA ALA B 109 2.41 -11.36 -6.42
C ALA B 109 2.64 -10.14 -7.31
N ALA B 110 1.63 -9.27 -7.40
CA ALA B 110 1.78 -8.09 -8.22
C ALA B 110 1.56 -6.81 -7.43
N ASP B 111 1.89 -5.69 -8.05
CA ASP B 111 1.74 -4.39 -7.40
C ASP B 111 0.60 -3.64 -8.02
N LEU B 112 0.38 -3.90 -9.31
CA LEU B 112 -0.68 -3.29 -10.07
C LEU B 112 -1.36 -4.33 -10.95
N LEU B 113 -2.69 -4.30 -10.97
CA LEU B 113 -3.47 -5.22 -11.77
C LEU B 113 -4.19 -4.45 -12.88
N VAL B 114 -4.29 -5.06 -14.06
CA VAL B 114 -4.95 -4.44 -15.21
C VAL B 114 -5.92 -5.40 -15.88
N LEU B 115 -7.20 -5.00 -15.94
CA LEU B 115 -8.26 -5.81 -16.55
C LEU B 115 -9.04 -5.00 -17.58
N GLY B 116 -9.75 -5.71 -18.44
CA GLY B 116 -10.57 -5.04 -19.43
C GLY B 116 -11.90 -4.78 -18.76
N ARG B 117 -12.55 -3.67 -19.10
CA ARG B 117 -13.83 -3.31 -18.49
C ARG B 117 -14.87 -4.43 -18.44
N SER B 118 -15.14 -5.07 -19.57
CA SER B 118 -16.14 -6.13 -19.59
C SER B 118 -15.76 -7.36 -20.39
N GLY B 119 -16.72 -8.29 -20.52
CA GLY B 119 -16.51 -9.52 -21.25
C GLY B 119 -16.00 -9.29 -22.65
N GLY B 127 -21.22 -1.57 -21.93
CA GLY B 127 -19.78 -1.73 -21.84
C GLY B 127 -19.22 -1.25 -20.52
N GLY B 128 -19.51 -1.99 -19.46
CA GLY B 128 -19.03 -1.63 -18.14
C GLY B 128 -18.63 -2.81 -17.28
N LEU B 129 -18.47 -2.55 -15.98
CA LEU B 129 -18.07 -3.59 -15.02
C LEU B 129 -18.75 -4.94 -15.29
N GLY B 130 -17.93 -5.92 -15.65
CA GLY B 130 -18.44 -7.26 -15.92
C GLY B 130 -18.43 -8.09 -14.65
N SER B 131 -18.70 -9.39 -14.79
CA SER B 131 -18.74 -10.28 -13.64
C SER B 131 -17.38 -10.33 -12.93
N THR B 132 -16.38 -10.83 -13.65
CA THR B 132 -15.04 -10.96 -13.15
C THR B 132 -14.51 -9.66 -12.55
N ALA B 133 -14.36 -8.64 -13.39
CA ALA B 133 -13.85 -7.35 -12.96
C ALA B 133 -14.49 -6.91 -11.66
N ASP B 134 -15.80 -7.04 -11.56
CA ASP B 134 -16.52 -6.61 -10.37
C ASP B 134 -16.06 -7.36 -9.11
N ARG B 135 -15.93 -8.67 -9.20
CA ARG B 135 -15.48 -9.46 -8.05
C ARG B 135 -14.04 -9.06 -7.69
N VAL B 136 -13.19 -9.02 -8.70
CA VAL B 136 -11.79 -8.66 -8.54
C VAL B 136 -11.57 -7.33 -7.84
N LEU B 137 -12.11 -6.26 -8.41
CA LEU B 137 -11.90 -4.93 -7.84
C LEU B 137 -12.47 -4.74 -6.45
N ARG B 138 -13.34 -5.66 -6.03
CA ARG B 138 -13.93 -5.54 -4.70
C ARG B 138 -13.10 -6.32 -3.66
N ALA B 139 -12.12 -7.11 -4.13
CA ALA B 139 -11.30 -7.91 -3.23
C ALA B 139 -9.78 -7.89 -3.48
N SER B 140 -9.33 -7.15 -4.48
CA SER B 140 -7.90 -7.14 -4.75
C SER B 140 -7.04 -6.56 -3.63
N PRO B 141 -5.86 -7.14 -3.44
CA PRO B 141 -4.94 -6.66 -2.40
C PRO B 141 -4.16 -5.47 -2.94
N VAL B 142 -4.22 -5.30 -4.26
CA VAL B 142 -3.51 -4.19 -4.90
C VAL B 142 -4.39 -3.36 -5.85
N PRO B 143 -3.96 -2.13 -6.16
CA PRO B 143 -4.69 -1.21 -7.04
C PRO B 143 -5.15 -1.89 -8.33
N VAL B 144 -6.40 -1.68 -8.71
CA VAL B 144 -6.93 -2.26 -9.93
C VAL B 144 -7.16 -1.21 -11.01
N LEU B 145 -6.58 -1.42 -12.19
CA LEU B 145 -6.75 -0.49 -13.29
C LEU B 145 -7.73 -1.07 -14.32
N LEU B 146 -8.91 -0.47 -14.47
CA LEU B 146 -9.88 -0.94 -15.45
C LEU B 146 -9.77 -0.09 -16.71
N ALA B 147 -9.45 -0.72 -17.82
CA ALA B 147 -9.30 -0.01 -19.08
C ALA B 147 -10.52 -0.16 -19.98
N PRO B 148 -10.79 0.85 -20.80
CA PRO B 148 -11.93 0.82 -21.72
C PRO B 148 -11.58 -0.22 -22.77
N GLY B 149 -12.54 -0.57 -23.61
CA GLY B 149 -12.27 -1.54 -24.65
C GLY B 149 -11.35 -0.97 -25.72
N GLU B 150 -11.57 0.30 -26.06
CA GLU B 150 -10.77 0.93 -27.10
C GLU B 150 -9.48 1.57 -26.64
N PRO B 151 -8.33 1.01 -27.05
CA PRO B 151 -6.98 1.47 -26.71
C PRO B 151 -6.83 2.98 -26.72
N VAL B 152 -5.76 3.46 -26.08
CA VAL B 152 -5.49 4.88 -26.00
C VAL B 152 -4.37 5.15 -24.98
N GLU B 153 -3.54 6.14 -25.27
CA GLU B 153 -2.45 6.49 -24.36
C GLU B 153 -2.95 7.53 -23.35
N LEU B 154 -2.49 7.39 -22.11
CA LEU B 154 -2.89 8.31 -21.05
C LEU B 154 -2.18 9.63 -21.23
N GLU B 155 -2.96 10.70 -21.36
CA GLU B 155 -2.39 12.04 -21.53
C GLU B 155 -2.54 12.86 -20.24
N GLY B 156 -3.61 12.59 -19.49
CA GLY B 156 -3.85 13.31 -18.25
C GLY B 156 -4.25 12.41 -17.09
N ALA B 157 -4.58 13.01 -15.94
CA ALA B 157 -4.98 12.22 -14.78
C ALA B 157 -5.68 13.04 -13.71
N LEU B 158 -6.64 12.43 -13.03
CA LEU B 158 -7.36 13.12 -11.96
C LEU B 158 -7.66 12.15 -10.82
N LEU B 159 -7.86 12.70 -9.64
CA LEU B 159 -8.12 11.89 -8.46
C LEU B 159 -9.34 12.38 -7.70
N GLY B 160 -10.23 11.46 -7.36
CA GLY B 160 -11.40 11.83 -6.57
C GLY B 160 -10.91 11.61 -5.16
N TYR B 161 -10.91 12.64 -4.32
CA TYR B 161 -10.37 12.47 -2.98
C TYR B 161 -11.23 13.06 -1.88
N ASP B 162 -11.56 12.24 -0.86
CA ASP B 162 -12.37 12.68 0.26
C ASP B 162 -11.75 12.33 1.61
N ALA B 163 -10.45 12.04 1.62
CA ALA B 163 -9.73 11.70 2.85
C ALA B 163 -10.20 10.41 3.52
N SER B 164 -11.00 9.60 2.84
CA SER B 164 -11.42 8.34 3.42
C SER B 164 -10.26 7.34 3.24
N GLU B 165 -10.32 6.20 3.91
CA GLU B 165 -9.23 5.22 3.79
C GLU B 165 -9.00 4.80 2.34
N SER B 166 -10.08 4.50 1.64
CA SER B 166 -9.98 4.07 0.25
C SER B 166 -9.32 5.16 -0.60
N ALA B 167 -9.74 6.41 -0.39
CA ALA B 167 -9.18 7.53 -1.14
C ALA B 167 -7.68 7.69 -0.84
N VAL B 168 -7.31 7.50 0.43
CA VAL B 168 -5.89 7.60 0.78
C VAL B 168 -5.14 6.52 -0.01
N ARG B 169 -5.72 5.33 -0.11
CA ARG B 169 -5.12 4.23 -0.85
C ARG B 169 -4.99 4.62 -2.31
N ALA B 170 -6.05 5.23 -2.85
CA ALA B 170 -6.05 5.67 -4.24
C ALA B 170 -4.96 6.74 -4.40
N LEU B 171 -4.95 7.70 -3.48
CA LEU B 171 -3.96 8.77 -3.49
C LEU B 171 -2.55 8.22 -3.57
N HIS B 172 -2.22 7.27 -2.70
CA HIS B 172 -0.88 6.68 -2.66
C HIS B 172 -0.54 5.83 -3.86
N ALA B 173 -1.54 5.17 -4.43
CA ALA B 173 -1.33 4.35 -5.63
C ALA B 173 -1.09 5.23 -6.87
N LEU B 174 -1.81 6.35 -6.97
CA LEU B 174 -1.67 7.25 -8.11
C LEU B 174 -0.29 7.88 -8.25
N ALA B 175 0.17 8.55 -7.19
CA ALA B 175 1.46 9.24 -7.19
C ALA B 175 2.60 8.59 -8.00
N PRO B 176 2.98 7.34 -7.67
CA PRO B 176 4.07 6.71 -8.42
C PRO B 176 3.78 6.54 -9.91
N LEU B 177 2.51 6.32 -10.26
CA LEU B 177 2.15 6.13 -11.67
C LEU B 177 2.24 7.45 -12.41
N ALA B 178 1.68 8.49 -11.80
CA ALA B 178 1.67 9.81 -12.40
C ALA B 178 3.09 10.33 -12.69
N ARG B 179 3.97 10.24 -11.69
CA ARG B 179 5.35 10.70 -11.85
C ARG B 179 6.09 9.93 -12.94
N ALA B 180 5.90 8.60 -12.99
CA ALA B 180 6.58 7.78 -13.98
C ALA B 180 6.08 8.02 -15.41
N LEU B 181 4.87 8.52 -15.56
CA LEU B 181 4.30 8.81 -16.87
C LEU B 181 4.35 10.31 -17.17
N GLY B 182 4.93 11.07 -16.24
CA GLY B 182 5.01 12.52 -16.38
C GLY B 182 3.67 13.22 -16.51
N LEU B 183 2.68 12.77 -15.75
CA LEU B 183 1.34 13.35 -15.82
C LEU B 183 0.91 14.24 -14.66
N GLY B 184 0.33 15.38 -14.99
CA GLY B 184 -0.16 16.27 -13.95
C GLY B 184 -1.43 15.64 -13.39
N VAL B 185 -1.75 15.93 -12.14
CA VAL B 185 -2.94 15.35 -11.51
C VAL B 185 -3.90 16.39 -10.99
N ARG B 186 -5.11 16.37 -11.53
CA ARG B 186 -6.16 17.29 -11.08
C ARG B 186 -6.83 16.62 -9.87
N VAL B 187 -6.64 17.19 -8.68
CA VAL B 187 -7.23 16.65 -7.47
C VAL B 187 -8.64 17.21 -7.24
N VAL B 188 -9.65 16.34 -7.32
CA VAL B 188 -11.05 16.77 -7.14
C VAL B 188 -11.69 16.36 -5.82
N SER B 189 -12.07 17.35 -5.02
CA SER B 189 -12.72 17.12 -3.74
C SER B 189 -14.09 17.81 -3.77
N VAL B 190 -15.13 17.05 -3.49
CA VAL B 190 -16.48 17.59 -3.55
C VAL B 190 -17.29 17.42 -2.27
N HIS B 191 -17.80 18.52 -1.75
CA HIS B 191 -18.63 18.48 -0.56
C HIS B 191 -19.55 19.70 -0.42
N GLU B 192 -20.52 19.60 0.48
CA GLU B 192 -21.46 20.69 0.73
C GLU B 192 -20.71 21.81 1.42
N ASP B 193 -19.92 21.45 2.43
CA ASP B 193 -19.14 22.44 3.16
C ASP B 193 -17.81 22.68 2.42
N PRO B 194 -17.68 23.85 1.75
CA PRO B 194 -16.44 24.13 1.02
C PRO B 194 -15.20 24.05 1.89
N ALA B 195 -15.31 24.43 3.17
CA ALA B 195 -14.14 24.37 4.05
C ALA B 195 -13.64 22.91 4.18
N ARG B 196 -14.56 21.95 4.17
CA ARG B 196 -14.21 20.54 4.28
C ARG B 196 -13.56 20.03 2.99
N ALA B 197 -14.20 20.35 1.86
CA ALA B 197 -13.71 19.95 0.55
C ALA B 197 -12.31 20.54 0.34
N GLU B 198 -12.14 21.78 0.78
CA GLU B 198 -10.88 22.50 0.66
C GLU B 198 -9.76 21.75 1.41
N ALA B 199 -10.04 21.39 2.65
CA ALA B 199 -9.06 20.70 3.48
C ALA B 199 -8.59 19.42 2.81
N TRP B 200 -9.54 18.70 2.21
CA TRP B 200 -9.26 17.47 1.51
C TRP B 200 -8.38 17.72 0.30
N ALA B 201 -8.83 18.59 -0.59
CA ALA B 201 -8.09 18.91 -1.80
C ALA B 201 -6.64 19.31 -1.50
N LEU B 202 -6.43 20.19 -0.53
CA LEU B 202 -5.08 20.64 -0.20
C LEU B 202 -4.21 19.53 0.38
N GLU B 203 -4.82 18.61 1.11
CA GLU B 203 -4.09 17.49 1.70
C GLU B 203 -3.58 16.58 0.58
N ALA B 204 -4.46 16.27 -0.36
CA ALA B 204 -4.10 15.42 -1.48
C ALA B 204 -3.10 16.12 -2.39
N GLU B 205 -3.27 17.43 -2.52
CA GLU B 205 -2.42 18.26 -3.36
C GLU B 205 -0.98 18.30 -2.79
N ALA B 206 -0.85 18.51 -1.48
CA ALA B 206 0.47 18.56 -0.86
C ALA B 206 1.17 17.20 -0.90
N TYR B 207 0.42 16.13 -0.69
CA TYR B 207 1.01 14.80 -0.72
C TYR B 207 1.69 14.56 -2.08
N LEU B 208 0.98 14.86 -3.15
CA LEU B 208 1.51 14.65 -4.48
C LEU B 208 2.75 15.49 -4.79
N ARG B 209 2.76 16.75 -4.35
CA ARG B 209 3.91 17.62 -4.60
C ARG B 209 5.09 17.15 -3.78
N ASP B 210 4.79 16.57 -2.62
CA ASP B 210 5.82 16.06 -1.71
C ASP B 210 6.41 14.80 -2.35
N HIS B 211 5.67 14.21 -3.28
CA HIS B 211 6.12 13.01 -3.96
C HIS B 211 6.46 13.27 -5.42
N GLY B 212 6.91 14.49 -5.71
CA GLY B 212 7.33 14.85 -7.06
C GLY B 212 6.34 14.78 -8.20
N VAL B 213 5.08 15.12 -7.93
CA VAL B 213 4.05 15.10 -8.96
C VAL B 213 3.42 16.49 -9.01
N GLU B 214 3.15 17.01 -10.20
CA GLU B 214 2.51 18.32 -10.26
C GLU B 214 1.00 18.11 -10.08
N ALA B 215 0.39 18.94 -9.24
CA ALA B 215 -1.03 18.78 -9.01
C ALA B 215 -1.72 20.06 -8.59
N SER B 216 -3.00 20.17 -8.91
CA SER B 216 -3.77 21.33 -8.51
C SER B 216 -5.15 20.85 -8.11
N ALA B 217 -5.60 21.27 -6.94
CA ALA B 217 -6.90 20.87 -6.46
C ALA B 217 -8.01 21.66 -7.15
N LEU B 218 -9.14 20.98 -7.30
CA LEU B 218 -10.34 21.55 -7.87
C LEU B 218 -11.36 21.31 -6.75
N VAL B 219 -11.70 22.36 -6.00
CA VAL B 219 -12.67 22.21 -4.92
C VAL B 219 -14.08 22.55 -5.40
N LEU B 220 -14.99 21.58 -5.31
CA LEU B 220 -16.37 21.77 -5.78
C LEU B 220 -17.47 21.41 -4.79
N GLY B 221 -18.69 21.71 -5.21
CA GLY B 221 -19.87 21.41 -4.42
C GLY B 221 -20.66 20.52 -5.35
N GLY B 222 -21.92 20.23 -5.01
CA GLY B 222 -22.72 19.40 -5.87
C GLY B 222 -22.46 17.91 -5.80
N ASP B 223 -22.60 17.25 -6.96
CA ASP B 223 -22.45 15.80 -7.12
C ASP B 223 -21.07 15.30 -7.59
N ALA B 224 -20.34 14.69 -6.66
CA ALA B 224 -19.00 14.18 -6.94
C ALA B 224 -18.94 13.28 -8.16
N ALA B 225 -19.86 12.33 -8.22
CA ALA B 225 -19.91 11.39 -9.32
C ALA B 225 -19.97 12.04 -10.69
N ASP B 226 -20.92 12.96 -10.90
CA ASP B 226 -21.05 13.64 -12.19
C ASP B 226 -19.85 14.51 -12.51
N HIS B 227 -19.32 15.21 -11.51
CA HIS B 227 -18.17 16.05 -11.77
C HIS B 227 -17.01 15.18 -12.26
N LEU B 228 -16.73 14.10 -11.52
CA LEU B 228 -15.67 13.18 -11.86
C LEU B 228 -15.87 12.60 -13.25
N LEU B 229 -17.11 12.25 -13.57
CA LEU B 229 -17.42 11.69 -14.88
C LEU B 229 -17.35 12.74 -15.98
N ARG B 230 -17.73 13.95 -15.64
CA ARG B 230 -17.70 15.06 -16.59
C ARG B 230 -16.26 15.44 -16.84
N LEU B 231 -15.48 15.50 -15.76
CA LEU B 231 -14.08 15.88 -15.86
C LEU B 231 -13.16 14.88 -16.51
N GLN B 232 -13.55 13.62 -16.60
CA GLN B 232 -12.65 12.66 -17.23
C GLN B 232 -12.81 12.49 -18.73
N GLY B 233 -11.77 12.83 -19.47
CA GLY B 233 -11.79 12.65 -20.91
C GLY B 233 -11.26 11.25 -21.14
N PRO B 234 -11.72 10.51 -22.16
CA PRO B 234 -11.24 9.15 -22.40
C PRO B 234 -9.72 8.98 -22.40
N GLY B 235 -8.99 10.10 -22.40
CA GLY B 235 -7.53 10.05 -22.37
C GLY B 235 -7.00 10.35 -20.97
N ASP B 236 -7.91 10.47 -20.01
CA ASP B 236 -7.57 10.76 -18.63
C ASP B 236 -7.71 9.54 -17.72
N LEU B 237 -6.77 9.42 -16.78
CA LEU B 237 -6.80 8.33 -15.82
C LEU B 237 -7.50 8.91 -14.62
N LEU B 238 -8.57 8.24 -14.20
CA LEU B 238 -9.32 8.68 -13.04
C LEU B 238 -9.05 7.70 -11.90
N ALA B 239 -8.55 8.23 -10.79
CA ALA B 239 -8.26 7.42 -9.62
C ALA B 239 -9.23 7.76 -8.52
N LEU B 240 -9.74 6.73 -7.84
CA LEU B 240 -10.65 6.90 -6.73
C LEU B 240 -10.59 5.63 -5.88
N GLY B 241 -11.07 5.72 -4.65
CA GLY B 241 -11.06 4.57 -3.77
C GLY B 241 -12.21 3.61 -4.06
N ALA B 242 -11.94 2.31 -4.05
CA ALA B 242 -12.95 1.29 -4.31
C ALA B 242 -14.01 1.26 -3.21
N PRO B 243 -15.26 0.95 -3.58
CA PRO B 243 -16.36 0.89 -2.61
C PRO B 243 -16.25 -0.16 -1.53
N VAL B 244 -16.66 0.21 -0.32
CA VAL B 244 -16.68 -0.73 0.81
C VAL B 244 -17.94 -1.56 0.56
N ARG B 245 -18.80 -1.01 -0.31
CA ARG B 245 -20.06 -1.62 -0.73
C ARG B 245 -20.79 -0.70 -1.71
N SER B 251 -23.36 3.92 -4.87
CA SER B 251 -22.38 4.75 -4.20
C SER B 251 -21.58 5.54 -5.23
N THR B 252 -20.87 6.57 -4.76
CA THR B 252 -20.08 7.39 -5.65
C THR B 252 -19.17 6.53 -6.51
N ALA B 253 -18.40 5.67 -5.86
CA ALA B 253 -17.46 4.78 -6.52
C ALA B 253 -18.11 3.89 -7.59
N GLU B 254 -19.19 3.22 -7.24
CA GLU B 254 -19.89 2.35 -8.18
C GLU B 254 -20.35 3.14 -9.39
N ARG B 255 -21.03 4.26 -9.15
CA ARG B 255 -21.51 5.10 -10.23
C ARG B 255 -20.39 5.44 -11.20
N VAL B 256 -19.27 5.91 -10.66
CA VAL B 256 -18.13 6.27 -11.49
C VAL B 256 -17.57 5.07 -12.25
N ILE B 257 -17.34 3.97 -11.54
CA ILE B 257 -16.80 2.78 -12.17
C ILE B 257 -17.73 2.25 -13.26
N ARG B 258 -19.04 2.38 -13.05
CA ARG B 258 -20.01 1.90 -14.02
C ARG B 258 -20.20 2.78 -15.26
N ASN B 259 -19.83 4.05 -15.18
CA ASN B 259 -19.99 4.97 -16.30
C ASN B 259 -18.69 5.56 -16.87
N ALA B 260 -17.54 5.20 -16.28
CA ALA B 260 -16.28 5.75 -16.75
C ALA B 260 -16.06 5.57 -18.24
N GLN B 261 -15.72 6.67 -18.91
CA GLN B 261 -15.47 6.64 -20.34
C GLN B 261 -13.97 6.51 -20.57
N GLY B 262 -13.21 6.57 -19.48
CA GLY B 262 -11.76 6.45 -19.59
C GLY B 262 -11.21 5.45 -18.58
N PRO B 263 -9.89 5.26 -18.58
CA PRO B 263 -9.21 4.33 -17.67
C PRO B 263 -9.47 4.68 -16.20
N VAL B 264 -9.82 3.70 -15.39
CA VAL B 264 -10.05 3.96 -13.97
C VAL B 264 -9.06 3.16 -13.12
N LEU B 265 -8.56 3.81 -12.07
CA LEU B 265 -7.63 3.19 -11.14
C LEU B 265 -8.33 3.10 -9.81
N THR B 266 -8.49 1.90 -9.29
CA THR B 266 -9.18 1.77 -8.01
C THR B 266 -8.29 1.15 -6.95
N ALA B 267 -8.50 1.55 -5.69
CA ALA B 267 -7.73 1.02 -4.57
C ALA B 267 -8.61 0.98 -3.34
N ARG B 268 -8.35 0.02 -2.46
CA ARG B 268 -9.13 -0.07 -1.23
C ARG B 268 -8.20 -0.26 -0.03
#